data_8C4P
#
_entry.id   8C4P
#
_cell.length_a   41.760
_cell.length_b   64.200
_cell.length_c   128.780
_cell.angle_alpha   90.000
_cell.angle_beta   90.000
_cell.angle_gamma   90.000
#
_symmetry.space_group_name_H-M   'P 21 21 21'
#
loop_
_entity.id
_entity.type
_entity.pdbx_description
1 polymer 'Diadenylate cyclase'
2 non-polymer ~{N}-[5-(2-azanyl-1,3-thiazol-4-yl)-4-methyl-1,3-thiazol-2-yl]ethanamide
3 non-polymer 'CHLORIDE ION'
4 water water
#
_entity_poly.entity_id   1
_entity_poly.type   'polypeptide(L)'
_entity_poly.pdbx_seq_one_letter_code
;GPLGSYGSRIEREQHHLIESIEKSTQYMAKRRIGALISVARDTGMDDYIETGIPLNAKISSQLLINIFIPNTPLHDGAVI
IKGNEIASAASYLPLSDSPFLSKELGTRHRAALGISEVTDSITIVVSEETGGISLTKGGELFRDVSEEELHKILLKELVT
VTAKKPSIFSKWKGGKSE
;
_entity_poly.pdbx_strand_id   A,B
#
loop_
_chem_comp.id
_chem_comp.type
_chem_comp.name
_chem_comp.formula
CL non-polymer 'CHLORIDE ION' 'Cl -1'
TJ9 non-polymer ~{N}-[5-(2-azanyl-1,3-thiazol-4-yl)-4-methyl-1,3-thiazol-2-yl]ethanamide 'C9 H10 N4 O S2'
#
# COMPACT_ATOMS: atom_id res chain seq x y z
N GLY A 1 -2.74 -1.75 -23.70
CA GLY A 1 -3.85 -1.93 -24.64
C GLY A 1 -5.19 -1.74 -23.98
N PRO A 2 -6.25 -1.94 -24.74
CA PRO A 2 -7.60 -1.62 -24.26
C PRO A 2 -8.14 -2.63 -23.25
N LEU A 3 -7.71 -3.88 -23.33
CA LEU A 3 -8.25 -4.89 -22.41
C LEU A 3 -7.81 -4.58 -20.99
N GLY A 4 -8.77 -4.63 -20.06
CA GLY A 4 -8.60 -4.12 -18.71
C GLY A 4 -9.30 -2.80 -18.47
N SER A 5 -9.74 -2.11 -19.53
CA SER A 5 -10.40 -0.82 -19.38
C SER A 5 -11.75 -0.94 -18.67
N TYR A 6 -12.44 -2.06 -18.86
CA TYR A 6 -13.82 -2.22 -18.40
C TYR A 6 -13.97 -3.27 -17.30
N GLY A 7 -12.94 -4.05 -17.03
CA GLY A 7 -13.03 -5.03 -15.97
C GLY A 7 -11.78 -5.87 -15.95
N SER A 8 -11.79 -6.86 -15.05
N SER A 8 -11.84 -6.90 -15.09
CA SER A 8 -10.67 -7.77 -14.88
CA SER A 8 -10.71 -7.78 -14.80
C SER A 8 -11.12 -9.21 -15.06
C SER A 8 -11.12 -9.23 -15.01
N ARG A 9 -10.14 -10.07 -15.31
CA ARG A 9 -10.37 -11.46 -15.67
C ARG A 9 -9.91 -12.36 -14.53
N ILE A 10 -10.82 -13.22 -14.04
N ILE A 10 -10.81 -13.24 -14.07
CA ILE A 10 -10.56 -13.97 -12.82
CA ILE A 10 -10.58 -13.99 -12.83
C ILE A 10 -9.27 -14.79 -12.90
C ILE A 10 -9.29 -14.80 -12.90
N GLU A 11 -9.05 -15.50 -14.01
CA GLU A 11 -7.84 -16.33 -14.06
C GLU A 11 -6.56 -15.50 -14.12
N ARG A 12 -6.60 -14.33 -14.77
N ARG A 12 -6.62 -14.31 -14.73
CA ARG A 12 -5.46 -13.42 -14.68
CA ARG A 12 -5.47 -13.42 -14.68
C ARG A 12 -5.23 -13.00 -13.23
C ARG A 12 -5.23 -12.95 -13.25
N GLU A 13 -6.30 -12.66 -12.52
CA GLU A 13 -6.17 -12.27 -11.12
C GLU A 13 -5.55 -13.39 -10.29
N GLN A 14 -5.99 -14.62 -10.50
CA GLN A 14 -5.49 -15.73 -9.70
C GLN A 14 -4.03 -16.01 -9.98
N HIS A 15 -3.62 -16.00 -11.26
CA HIS A 15 -2.21 -16.20 -11.56
C HIS A 15 -1.36 -15.04 -11.06
N HIS A 16 -1.89 -13.82 -11.13
CA HIS A 16 -1.15 -12.67 -10.63
C HIS A 16 -1.01 -12.72 -9.12
N LEU A 17 -2.03 -13.22 -8.42
CA LEU A 17 -1.94 -13.40 -6.98
C LEU A 17 -0.81 -14.37 -6.64
N ILE A 18 -0.76 -15.50 -7.35
CA ILE A 18 0.30 -16.47 -7.13
C ILE A 18 1.66 -15.86 -7.38
N GLU A 19 1.81 -15.16 -8.51
N GLU A 19 1.81 -15.16 -8.52
CA GLU A 19 3.08 -14.55 -8.85
CA GLU A 19 3.09 -14.53 -8.84
C GLU A 19 3.48 -13.51 -7.80
C GLU A 19 3.48 -13.50 -7.80
N SER A 20 2.49 -12.74 -7.30
CA SER A 20 2.79 -11.72 -6.31
C SER A 20 3.26 -12.34 -4.99
N ILE A 21 2.64 -13.45 -4.58
CA ILE A 21 3.08 -14.16 -3.38
C ILE A 21 4.47 -14.73 -3.59
N GLU A 22 4.70 -15.38 -4.74
CA GLU A 22 6.01 -15.98 -5.00
C GLU A 22 7.11 -14.93 -5.01
N LYS A 23 6.90 -13.83 -5.73
CA LYS A 23 7.97 -12.83 -5.85
C LYS A 23 8.20 -12.12 -4.52
N SER A 24 7.14 -11.78 -3.79
CA SER A 24 7.34 -11.08 -2.54
C SER A 24 7.97 -11.98 -1.50
N THR A 25 7.50 -13.23 -1.39
CA THR A 25 8.09 -14.12 -0.38
C THR A 25 9.54 -14.46 -0.72
N GLN A 26 9.88 -14.59 -2.01
CA GLN A 26 11.28 -14.81 -2.37
C GLN A 26 12.12 -13.61 -1.94
N TYR A 27 11.63 -12.41 -2.24
CA TYR A 27 12.35 -11.19 -1.90
C TYR A 27 12.58 -11.10 -0.40
N MET A 28 11.54 -11.39 0.38
CA MET A 28 11.63 -11.29 1.83
C MET A 28 12.48 -12.41 2.42
N ALA A 29 12.32 -13.64 1.92
CA ALA A 29 13.10 -14.76 2.43
C ALA A 29 14.60 -14.52 2.28
N LYS A 30 15.01 -14.01 1.11
CA LYS A 30 16.43 -13.78 0.86
C LYS A 30 17.01 -12.76 1.83
N ARG A 31 16.17 -11.85 2.33
CA ARG A 31 16.58 -10.78 3.22
C ARG A 31 16.24 -11.05 4.68
N ARG A 32 15.71 -12.24 4.99
CA ARG A 32 15.31 -12.57 6.37
C ARG A 32 14.33 -11.54 6.94
N ILE A 33 13.29 -11.23 6.15
CA ILE A 33 12.15 -10.43 6.58
C ILE A 33 10.98 -11.38 6.82
N GLY A 34 10.43 -11.39 8.03
CA GLY A 34 9.30 -12.25 8.33
C GLY A 34 8.02 -11.73 7.71
N ALA A 35 7.13 -12.67 7.35
CA ALA A 35 5.88 -12.29 6.71
C ALA A 35 4.83 -13.37 6.96
N LEU A 36 3.58 -12.96 6.79
CA LEU A 36 2.42 -13.81 7.06
C LEU A 36 1.28 -13.33 6.18
N ILE A 37 0.92 -14.14 5.18
CA ILE A 37 -0.08 -13.77 4.16
C ILE A 37 -1.13 -14.87 4.14
N SER A 38 -2.38 -14.51 4.45
CA SER A 38 -3.47 -15.48 4.48
C SER A 38 -4.46 -15.16 3.36
N VAL A 39 -4.74 -16.16 2.53
CA VAL A 39 -5.63 -15.99 1.39
C VAL A 39 -6.95 -16.66 1.71
N ALA A 40 -8.01 -15.85 1.77
CA ALA A 40 -9.34 -16.37 2.07
C ALA A 40 -9.86 -17.21 0.90
N ARG A 41 -10.58 -18.29 1.23
CA ARG A 41 -11.27 -19.06 0.20
C ARG A 41 -12.76 -19.10 0.52
N ASP A 42 -13.33 -20.30 0.65
CA ASP A 42 -14.78 -20.40 0.87
C ASP A 42 -15.17 -19.94 2.27
N THR A 43 -14.34 -20.23 3.27
CA THR A 43 -14.61 -19.76 4.62
C THR A 43 -14.26 -18.27 4.70
N GLY A 44 -15.15 -17.49 5.28
CA GLY A 44 -14.90 -16.06 5.40
C GLY A 44 -13.75 -15.79 6.37
N MET A 45 -12.96 -14.75 6.04
CA MET A 45 -11.98 -14.16 6.93
C MET A 45 -12.43 -12.77 7.39
N ASP A 46 -13.70 -12.42 7.16
CA ASP A 46 -14.12 -11.03 7.32
C ASP A 46 -13.85 -10.50 8.73
N ASP A 47 -14.06 -11.33 9.76
CA ASP A 47 -13.87 -10.82 11.11
C ASP A 47 -12.40 -10.51 11.41
N TYR A 48 -11.48 -11.31 10.86
CA TYR A 48 -10.06 -11.05 11.07
C TYR A 48 -9.59 -9.87 10.23
N ILE A 49 -10.18 -9.67 9.04
CA ILE A 49 -9.90 -8.46 8.27
C ILE A 49 -10.18 -7.21 9.11
N GLU A 50 -11.30 -7.23 9.85
CA GLU A 50 -11.71 -6.08 10.63
C GLU A 50 -10.75 -5.76 11.77
N THR A 51 -9.91 -6.71 12.17
CA THR A 51 -8.94 -6.44 13.24
C THR A 51 -7.71 -5.69 12.76
N GLY A 52 -7.49 -5.57 11.44
CA GLY A 52 -6.30 -4.95 10.93
C GLY A 52 -6.55 -3.54 10.43
N ILE A 53 -5.56 -3.02 9.71
CA ILE A 53 -5.67 -1.73 9.03
C ILE A 53 -6.24 -2.00 7.65
N PRO A 54 -7.36 -1.38 7.27
CA PRO A 54 -7.92 -1.67 5.95
C PRO A 54 -7.09 -1.04 4.85
N LEU A 55 -6.85 -1.83 3.80
CA LEU A 55 -6.14 -1.37 2.62
C LEU A 55 -7.02 -1.42 1.37
N ASN A 56 -7.75 -2.51 1.16
CA ASN A 56 -8.56 -2.70 -0.04
C ASN A 56 -7.78 -2.37 -1.30
N ALA A 57 -6.56 -2.87 -1.37
CA ALA A 57 -5.60 -2.45 -2.36
C ALA A 57 -5.41 -3.49 -3.46
N LYS A 58 -5.02 -3.01 -4.63
N LYS A 58 -5.05 -3.01 -4.64
CA LYS A 58 -4.59 -3.92 -5.69
CA LYS A 58 -4.58 -3.91 -5.68
C LYS A 58 -3.40 -4.75 -5.24
C LYS A 58 -3.44 -4.78 -5.15
N ILE A 59 -3.41 -6.02 -5.61
CA ILE A 59 -2.32 -6.93 -5.23
C ILE A 59 -1.10 -6.65 -6.08
N SER A 60 0.06 -6.53 -5.43
CA SER A 60 1.34 -6.49 -6.13
C SER A 60 2.41 -7.05 -5.21
N SER A 61 3.48 -7.59 -5.80
N SER A 61 3.48 -7.58 -5.80
CA SER A 61 4.62 -8.02 -4.98
CA SER A 61 4.63 -8.01 -5.01
C SER A 61 5.22 -6.83 -4.25
C SER A 61 5.24 -6.84 -4.27
N GLN A 62 5.26 -5.65 -4.90
CA GLN A 62 5.88 -4.48 -4.29
C GLN A 62 5.14 -4.05 -3.04
N LEU A 63 3.80 -4.03 -3.08
CA LEU A 63 3.05 -3.63 -1.89
C LEU A 63 3.21 -4.66 -0.78
N LEU A 64 3.15 -5.95 -1.12
CA LEU A 64 3.38 -6.98 -0.10
C LEU A 64 4.73 -6.79 0.60
N ILE A 65 5.79 -6.53 -0.18
CA ILE A 65 7.10 -6.29 0.43
C ILE A 65 7.06 -5.08 1.35
N ASN A 66 6.53 -3.95 0.85
CA ASN A 66 6.53 -2.75 1.67
C ASN A 66 5.74 -2.92 2.97
N ILE A 67 4.69 -3.74 2.96
CA ILE A 67 3.90 -3.98 4.17
C ILE A 67 4.74 -4.59 5.28
N PHE A 68 5.61 -5.54 4.93
CA PHE A 68 6.29 -6.36 5.94
C PHE A 68 7.61 -5.79 6.43
N ILE A 69 7.99 -4.61 5.98
CA ILE A 69 9.27 -4.07 6.41
C ILE A 69 9.27 -3.92 7.93
N PRO A 70 10.30 -4.37 8.63
CA PRO A 70 10.23 -4.38 10.10
C PRO A 70 10.15 -2.97 10.68
N ASN A 71 9.53 -2.88 11.85
CA ASN A 71 9.43 -1.64 12.60
C ASN A 71 8.59 -0.58 11.91
N THR A 72 7.56 -1.01 11.20
CA THR A 72 6.66 -0.11 10.50
C THR A 72 5.24 -0.32 11.00
N PRO A 73 4.34 0.62 10.74
CA PRO A 73 2.95 0.44 11.20
C PRO A 73 2.26 -0.82 10.68
N LEU A 74 2.54 -1.25 9.45
CA LEU A 74 1.77 -2.35 8.87
C LEU A 74 2.36 -3.73 9.10
N HIS A 75 3.57 -3.85 9.63
CA HIS A 75 4.21 -5.18 9.58
C HIS A 75 3.74 -6.13 10.67
N ASP A 76 3.16 -5.63 11.77
N ASP A 76 3.11 -5.63 11.74
CA ASP A 76 2.93 -6.45 12.97
CA ASP A 76 2.86 -6.40 12.96
C ASP A 76 1.57 -7.15 12.88
C ASP A 76 1.53 -7.14 12.87
N GLY A 77 1.53 -8.20 12.09
CA GLY A 77 0.36 -9.04 11.98
C GLY A 77 0.29 -9.67 10.61
N ALA A 78 -0.92 -10.11 10.26
CA ALA A 78 -1.16 -10.80 8.99
C ALA A 78 -1.69 -9.85 7.93
N VAL A 79 -1.26 -10.08 6.70
CA VAL A 79 -1.97 -9.60 5.52
C VAL A 79 -3.05 -10.61 5.19
N ILE A 80 -4.25 -10.11 4.91
CA ILE A 80 -5.36 -10.95 4.47
C ILE A 80 -5.74 -10.53 3.06
N ILE A 81 -5.73 -11.49 2.14
CA ILE A 81 -6.13 -11.31 0.76
C ILE A 81 -7.53 -11.87 0.58
N LYS A 82 -8.44 -11.06 0.04
CA LYS A 82 -9.81 -11.46 -0.18
C LYS A 82 -10.17 -11.05 -1.61
N GLY A 83 -10.58 -12.02 -2.41
CA GLY A 83 -10.83 -11.79 -3.81
C GLY A 83 -9.58 -11.24 -4.47
N ASN A 84 -9.74 -10.14 -5.20
N ASN A 84 -9.75 -10.13 -5.18
CA ASN A 84 -8.62 -9.53 -5.90
CA ASN A 84 -8.66 -9.50 -5.90
C ASN A 84 -8.03 -8.34 -5.14
C ASN A 84 -8.07 -8.31 -5.14
N GLU A 85 -8.08 -8.35 -3.81
CA GLU A 85 -7.55 -7.25 -3.02
C GLU A 85 -6.71 -7.74 -1.85
N ILE A 86 -5.69 -6.95 -1.51
CA ILE A 86 -5.13 -6.97 -0.16
C ILE A 86 -6.14 -6.25 0.72
N ALA A 87 -6.92 -7.02 1.49
CA ALA A 87 -8.00 -6.44 2.28
C ALA A 87 -7.46 -5.68 3.46
N SER A 88 -6.52 -6.27 4.19
CA SER A 88 -6.01 -5.67 5.42
C SER A 88 -4.56 -6.08 5.62
N ALA A 89 -3.88 -5.30 6.46
CA ALA A 89 -2.56 -5.63 7.01
C ALA A 89 -2.62 -5.47 8.52
N ALA A 90 -1.66 -6.08 9.21
CA ALA A 90 -1.58 -5.97 10.67
C ALA A 90 -2.82 -6.58 11.34
N SER A 91 -3.41 -7.56 10.68
CA SER A 91 -4.55 -8.27 11.26
C SER A 91 -4.11 -9.34 12.26
N TYR A 92 -4.99 -9.61 13.22
N TYR A 92 -4.97 -9.56 13.25
CA TYR A 92 -4.78 -10.69 14.17
CA TYR A 92 -4.87 -10.70 14.15
C TYR A 92 -5.50 -11.95 13.71
C TYR A 92 -5.39 -11.95 13.46
N LEU A 93 -4.82 -13.09 13.85
CA LEU A 93 -5.36 -14.40 13.53
C LEU A 93 -5.39 -15.24 14.81
N PRO A 94 -6.21 -16.28 14.85
CA PRO A 94 -6.17 -17.17 16.02
C PRO A 94 -4.83 -17.89 16.10
N LEU A 95 -4.32 -18.05 17.32
CA LEU A 95 -3.11 -18.84 17.55
C LEU A 95 -3.46 -20.29 17.83
N SER A 96 -2.83 -21.20 17.11
CA SER A 96 -3.02 -22.61 17.42
C SER A 96 -2.45 -22.92 18.80
N ASP A 97 -3.14 -23.76 19.55
CA ASP A 97 -2.61 -24.26 20.81
C ASP A 97 -1.94 -25.62 20.65
N SER A 98 -1.74 -26.07 19.42
CA SER A 98 -1.29 -27.43 19.21
C SER A 98 0.08 -27.66 19.82
N PRO A 99 0.25 -28.72 20.62
CA PRO A 99 1.60 -29.08 21.11
C PRO A 99 2.43 -29.80 20.06
N PHE A 100 1.84 -30.11 18.89
CA PHE A 100 2.58 -30.73 17.81
C PHE A 100 3.41 -29.73 17.02
N LEU A 101 3.09 -28.45 17.10
CA LEU A 101 3.89 -27.45 16.39
C LEU A 101 5.23 -27.26 17.11
N SER A 102 6.31 -27.37 16.35
CA SER A 102 7.66 -27.26 16.91
C SER A 102 7.84 -25.96 17.69
N LYS A 103 8.46 -26.09 18.86
CA LYS A 103 8.73 -24.93 19.71
C LYS A 103 9.71 -23.96 19.09
N GLU A 104 10.49 -24.38 18.09
CA GLU A 104 11.42 -23.46 17.46
C GLU A 104 10.74 -22.53 16.47
N LEU A 105 9.47 -22.74 16.18
CA LEU A 105 8.72 -21.86 15.31
C LEU A 105 8.01 -20.81 16.15
N GLY A 106 7.88 -19.61 15.56
CA GLY A 106 7.40 -18.45 16.28
C GLY A 106 5.93 -18.14 16.06
N THR A 107 5.56 -16.93 16.47
CA THR A 107 4.16 -16.53 16.46
C THR A 107 3.55 -16.55 15.07
N ARG A 108 4.32 -16.16 14.04
CA ARG A 108 3.76 -16.18 12.69
C ARG A 108 3.32 -17.59 12.30
N HIS A 109 4.14 -18.60 12.62
CA HIS A 109 3.76 -19.98 12.30
C HIS A 109 2.56 -20.42 13.12
N ARG A 110 2.51 -20.03 14.39
N ARG A 110 2.53 -20.03 14.39
CA ARG A 110 1.40 -20.44 15.23
CA ARG A 110 1.42 -20.40 15.26
C ARG A 110 0.10 -19.76 14.82
C ARG A 110 0.12 -19.77 14.78
N ALA A 111 0.19 -18.52 14.34
CA ALA A 111 -0.98 -17.84 13.78
C ALA A 111 -1.40 -18.48 12.46
N ALA A 112 -0.44 -18.80 11.59
CA ALA A 112 -0.80 -19.46 10.34
C ALA A 112 -1.46 -20.81 10.61
N LEU A 113 -0.95 -21.58 11.57
CA LEU A 113 -1.61 -22.85 11.88
C LEU A 113 -2.99 -22.61 12.48
N GLY A 114 -3.12 -21.61 13.36
CA GLY A 114 -4.39 -21.33 14.00
C GLY A 114 -5.49 -20.99 13.01
N ILE A 115 -5.21 -20.10 12.05
CA ILE A 115 -6.26 -19.77 11.09
C ILE A 115 -6.60 -20.99 10.23
N SER A 116 -5.61 -21.85 9.95
CA SER A 116 -5.87 -23.00 9.09
C SER A 116 -6.75 -24.04 9.76
N GLU A 117 -6.85 -23.99 11.07
CA GLU A 117 -7.65 -24.95 11.83
C GLU A 117 -9.12 -24.61 11.82
N VAL A 118 -9.48 -23.37 11.45
CA VAL A 118 -10.86 -22.92 11.56
C VAL A 118 -11.39 -22.29 10.29
N THR A 119 -10.59 -22.32 9.21
CA THR A 119 -11.01 -21.82 7.91
C THR A 119 -10.38 -22.73 6.86
N ASP A 120 -10.83 -22.58 5.61
CA ASP A 120 -10.15 -23.21 4.47
C ASP A 120 -9.14 -22.27 3.81
N SER A 121 -8.67 -21.25 4.51
N SER A 121 -8.64 -21.27 4.53
CA SER A 121 -7.70 -20.36 3.92
CA SER A 121 -7.69 -20.33 3.97
C SER A 121 -6.38 -21.06 3.63
C SER A 121 -6.33 -20.99 3.73
N ILE A 122 -5.59 -20.45 2.77
CA ILE A 122 -4.21 -20.88 2.47
C ILE A 122 -3.32 -19.78 3.02
N THR A 123 -2.40 -20.13 3.91
CA THR A 123 -1.56 -19.12 4.55
C THR A 123 -0.09 -19.42 4.30
N ILE A 124 0.67 -18.38 3.98
CA ILE A 124 2.08 -18.49 3.64
C ILE A 124 2.86 -17.70 4.69
N VAL A 125 3.94 -18.30 5.20
CA VAL A 125 4.79 -17.67 6.21
C VAL A 125 6.21 -17.64 5.69
N VAL A 126 6.89 -16.51 5.91
CA VAL A 126 8.34 -16.42 5.72
C VAL A 126 8.97 -16.31 7.10
N SER A 127 9.88 -17.23 7.41
CA SER A 127 10.58 -17.20 8.69
C SER A 127 11.67 -16.12 8.68
N GLU A 128 11.62 -15.22 9.66
N GLU A 128 11.62 -15.22 9.66
CA GLU A 128 12.68 -14.25 9.81
CA GLU A 128 12.69 -14.24 9.80
C GLU A 128 13.99 -14.93 10.20
C GLU A 128 13.99 -14.89 10.27
N GLU A 129 13.91 -16.06 10.89
CA GLU A 129 15.11 -16.73 11.38
C GLU A 129 15.88 -17.42 10.26
N THR A 130 15.17 -18.11 9.36
CA THR A 130 15.84 -18.97 8.38
C THR A 130 15.59 -18.56 6.94
N GLY A 131 14.59 -17.73 6.67
CA GLY A 131 14.16 -17.51 5.32
C GLY A 131 13.29 -18.63 4.78
N GLY A 132 13.07 -19.70 5.54
CA GLY A 132 12.24 -20.76 5.04
C GLY A 132 10.82 -20.29 4.84
N ILE A 133 10.22 -20.75 3.77
CA ILE A 133 8.82 -20.44 3.47
C ILE A 133 7.99 -21.64 3.86
N SER A 134 6.92 -21.42 4.64
CA SER A 134 6.00 -22.47 5.04
C SER A 134 4.58 -22.12 4.63
N LEU A 135 3.73 -23.13 4.59
CA LEU A 135 2.35 -22.94 4.21
C LEU A 135 1.47 -23.76 5.15
N THR A 136 0.30 -23.22 5.49
CA THR A 136 -0.68 -23.95 6.27
C THR A 136 -1.99 -24.08 5.52
N LYS A 137 -2.64 -25.22 5.74
N LYS A 137 -2.63 -25.23 5.69
CA LYS A 137 -3.93 -25.52 5.14
CA LYS A 137 -3.97 -25.45 5.16
C LYS A 137 -4.54 -26.65 5.95
C LYS A 137 -4.57 -26.64 5.88
N GLY A 138 -5.81 -26.49 6.34
CA GLY A 138 -6.52 -27.59 6.96
C GLY A 138 -5.89 -28.14 8.21
N GLY A 139 -5.24 -27.29 9.00
CA GLY A 139 -4.65 -27.72 10.25
C GLY A 139 -3.28 -28.35 10.12
N GLU A 140 -2.70 -28.36 8.92
CA GLU A 140 -1.40 -28.94 8.66
C GLU A 140 -0.43 -27.84 8.23
N LEU A 141 0.84 -28.10 8.50
CA LEU A 141 1.96 -27.22 8.19
C LEU A 141 2.87 -27.91 7.19
N PHE A 142 3.22 -27.18 6.14
CA PHE A 142 4.19 -27.65 5.15
C PHE A 142 5.40 -26.74 5.29
N ARG A 143 6.43 -27.25 5.93
CA ARG A 143 7.52 -26.42 6.41
C ARG A 143 8.67 -26.35 5.41
N ASP A 144 9.16 -25.15 5.16
CA ASP A 144 10.39 -24.94 4.36
C ASP A 144 10.24 -25.58 2.97
N VAL A 145 9.18 -25.18 2.29
CA VAL A 145 8.90 -25.69 0.96
C VAL A 145 9.82 -25.03 -0.05
N SER A 146 10.21 -25.81 -1.06
CA SER A 146 11.01 -25.26 -2.14
C SER A 146 10.15 -24.34 -3.00
N GLU A 147 10.81 -23.59 -3.88
N GLU A 147 10.81 -23.58 -3.88
CA GLU A 147 10.05 -22.72 -4.78
CA GLU A 147 10.07 -22.71 -4.79
C GLU A 147 9.16 -23.53 -5.70
C GLU A 147 9.16 -23.52 -5.71
N GLU A 148 9.64 -24.69 -6.16
CA GLU A 148 8.81 -25.53 -7.00
C GLU A 148 7.61 -26.08 -6.24
N GLU A 149 7.82 -26.54 -5.00
CA GLU A 149 6.70 -27.03 -4.20
C GLU A 149 5.70 -25.93 -3.91
N LEU A 150 6.18 -24.74 -3.53
CA LEU A 150 5.25 -23.64 -3.28
C LEU A 150 4.42 -23.34 -4.51
N HIS A 151 5.05 -23.34 -5.68
CA HIS A 151 4.35 -23.02 -6.92
C HIS A 151 3.23 -24.01 -7.16
N LYS A 152 3.53 -25.30 -7.03
CA LYS A 152 2.54 -26.33 -7.28
C LYS A 152 1.38 -26.26 -6.29
N ILE A 153 1.68 -26.03 -5.01
CA ILE A 153 0.60 -25.93 -4.02
C ILE A 153 -0.28 -24.72 -4.33
N LEU A 154 0.33 -23.55 -4.60
CA LEU A 154 -0.47 -22.36 -4.86
C LEU A 154 -1.33 -22.52 -6.11
N LEU A 155 -0.77 -23.12 -7.17
CA LEU A 155 -1.57 -23.39 -8.37
C LEU A 155 -2.75 -24.28 -8.04
N LYS A 156 -2.51 -25.35 -7.31
CA LYS A 156 -3.58 -26.30 -7.03
C LYS A 156 -4.67 -25.69 -6.17
N GLU A 157 -4.30 -24.83 -5.21
CA GLU A 157 -5.23 -24.36 -4.21
C GLU A 157 -5.86 -23.01 -4.54
N LEU A 158 -5.20 -22.18 -5.37
CA LEU A 158 -5.66 -20.82 -5.63
C LEU A 158 -6.14 -20.55 -7.05
N VAL A 159 -5.82 -21.42 -8.01
CA VAL A 159 -6.32 -21.28 -9.38
C VAL A 159 -7.48 -22.24 -9.54
N THR A 160 -8.63 -21.71 -9.94
CA THR A 160 -9.86 -22.50 -10.07
C THR A 160 -10.41 -22.44 -11.48
N VAL A 161 -9.65 -21.90 -12.42
CA VAL A 161 -10.09 -21.69 -13.80
C VAL A 161 -9.05 -22.30 -14.73
N THR A 162 -9.52 -23.04 -15.72
CA THR A 162 -8.63 -23.67 -16.68
C THR A 162 -8.39 -22.72 -17.86
N ALA A 163 -7.66 -23.20 -18.85
CA ALA A 163 -7.48 -22.44 -20.08
C ALA A 163 -8.83 -22.34 -20.79
N LYS A 164 -9.30 -21.12 -20.99
CA LYS A 164 -10.60 -20.89 -21.61
C LYS A 164 -10.59 -19.49 -22.22
N LYS A 165 -11.68 -19.13 -22.90
CA LYS A 165 -11.76 -17.80 -23.48
C LYS A 165 -11.75 -16.74 -22.37
N PRO A 166 -10.90 -15.70 -22.48
CA PRO A 166 -10.89 -14.64 -21.45
C PRO A 166 -12.16 -13.81 -21.46
N SER A 167 -12.61 -13.39 -20.27
CA SER A 167 -13.79 -12.53 -20.18
C SER A 167 -13.83 -11.84 -18.82
N ILE A 168 -14.24 -10.55 -18.81
CA ILE A 168 -14.40 -9.87 -17.53
C ILE A 168 -15.56 -10.42 -16.72
N PHE A 169 -16.42 -11.25 -17.32
CA PHE A 169 -17.63 -11.71 -16.66
C PHE A 169 -17.49 -13.07 -16.02
N SER A 170 -16.36 -13.76 -16.24
CA SER A 170 -16.22 -15.15 -15.80
C SER A 170 -16.25 -15.24 -14.30
N LYS A 171 -17.03 -16.22 -13.83
CA LYS A 171 -17.08 -16.67 -12.44
C LYS A 171 -17.18 -15.50 -11.46
N TRP A 172 -18.29 -14.76 -11.59
CA TRP A 172 -18.49 -13.59 -10.76
C TRP A 172 -18.68 -13.98 -9.31
N LYS A 173 -18.17 -13.16 -8.40
CA LYS A 173 -18.31 -13.38 -6.97
C LYS A 173 -19.23 -12.34 -6.37
N SER B 8 -14.73 14.83 -5.72
CA SER B 8 -15.03 13.43 -5.48
C SER B 8 -15.01 13.12 -3.98
N ARG B 9 -14.07 13.74 -3.26
CA ARG B 9 -13.99 13.55 -1.81
C ARG B 9 -15.13 14.27 -1.11
N ILE B 10 -15.81 13.57 -0.21
CA ILE B 10 -16.82 14.21 0.62
C ILE B 10 -16.15 14.81 1.84
N GLU B 11 -16.92 15.52 2.67
CA GLU B 11 -16.32 16.32 3.75
C GLU B 11 -15.54 15.44 4.72
N ARG B 12 -16.13 14.34 5.20
CA ARG B 12 -15.40 13.49 6.13
C ARG B 12 -14.13 12.96 5.50
N GLU B 13 -14.15 12.72 4.19
CA GLU B 13 -12.97 12.20 3.50
C GLU B 13 -11.88 13.26 3.43
N GLN B 14 -12.26 14.54 3.26
CA GLN B 14 -11.26 15.60 3.20
C GLN B 14 -10.57 15.77 4.54
N HIS B 15 -11.34 15.74 5.63
CA HIS B 15 -10.72 15.85 6.95
C HIS B 15 -9.82 14.65 7.24
N HIS B 16 -10.26 13.45 6.87
CA HIS B 16 -9.43 12.27 7.08
C HIS B 16 -8.15 12.33 6.25
N LEU B 17 -8.26 12.81 5.01
CA LEU B 17 -7.07 12.94 4.16
C LEU B 17 -6.03 13.84 4.81
N ILE B 18 -6.47 15.00 5.31
N ILE B 18 -6.45 15.00 5.32
CA ILE B 18 -5.55 15.94 5.93
CA ILE B 18 -5.42 15.89 5.86
C ILE B 18 -4.84 15.29 7.11
C ILE B 18 -4.83 15.34 7.16
N GLU B 19 -5.62 14.64 7.98
CA GLU B 19 -5.05 14.00 9.16
C GLU B 19 -4.06 12.91 8.76
N SER B 20 -4.35 12.15 7.70
CA SER B 20 -3.46 11.08 7.28
C SER B 20 -2.14 11.65 6.75
N ILE B 21 -2.20 12.76 6.00
CA ILE B 21 -0.99 13.43 5.54
C ILE B 21 -0.18 13.98 6.71
N GLU B 22 -0.86 14.63 7.67
N GLU B 22 -0.86 14.62 7.67
CA GLU B 22 -0.14 15.22 8.80
CA GLU B 22 -0.16 15.21 8.80
C GLU B 22 0.54 14.15 9.65
C GLU B 22 0.55 14.14 9.63
N LYS B 23 -0.18 13.09 10.00
CA LYS B 23 0.41 12.05 10.85
C LYS B 23 1.57 11.35 10.16
N SER B 24 1.41 11.01 8.88
CA SER B 24 2.49 10.31 8.20
C SER B 24 3.70 11.21 8.01
N THR B 25 3.50 12.47 7.60
CA THR B 25 4.66 13.33 7.37
C THR B 25 5.36 13.68 8.67
N GLN B 26 4.64 13.82 9.78
CA GLN B 26 5.31 14.05 11.06
C GLN B 26 6.19 12.87 11.43
N TYR B 27 5.68 11.64 11.26
CA TYR B 27 6.48 10.45 11.51
C TYR B 27 7.73 10.44 10.63
N MET B 28 7.55 10.76 9.35
CA MET B 28 8.69 10.69 8.44
C MET B 28 9.67 11.83 8.66
N ALA B 29 9.16 13.02 8.98
CA ALA B 29 10.05 14.15 9.23
C ALA B 29 10.98 13.88 10.40
N LYS B 30 10.46 13.28 11.48
CA LYS B 30 11.26 12.99 12.66
C LYS B 30 12.41 12.04 12.34
N ARG B 31 12.22 11.18 11.36
CA ARG B 31 13.18 10.15 10.98
C ARG B 31 13.96 10.51 9.73
N ARG B 32 13.74 11.70 9.17
CA ARG B 32 14.39 12.13 7.93
C ARG B 32 14.16 11.12 6.80
N ILE B 33 12.92 10.64 6.71
CA ILE B 33 12.49 9.75 5.63
C ILE B 33 11.92 10.62 4.52
N GLY B 34 12.53 10.57 3.34
CA GLY B 34 12.05 11.37 2.21
C GLY B 34 10.71 10.88 1.71
N ALA B 35 9.83 11.80 1.35
CA ALA B 35 8.49 11.44 0.92
C ALA B 35 7.95 12.49 -0.02
N LEU B 36 6.95 12.08 -0.81
CA LEU B 36 6.39 12.93 -1.86
C LEU B 36 4.95 12.46 -2.09
N ILE B 37 3.98 13.27 -1.70
CA ILE B 37 2.55 12.94 -1.79
C ILE B 37 1.88 14.03 -2.60
N SER B 38 1.32 13.67 -3.75
CA SER B 38 0.67 14.65 -4.63
C SER B 38 -0.83 14.37 -4.66
N VAL B 39 -1.62 15.39 -4.30
CA VAL B 39 -3.07 15.26 -4.16
C VAL B 39 -3.76 15.96 -5.33
N ALA B 40 -4.49 15.20 -6.13
CA ALA B 40 -5.24 15.78 -7.24
C ALA B 40 -6.39 16.63 -6.73
N ARG B 41 -6.64 17.74 -7.42
CA ARG B 41 -7.82 18.55 -7.18
C ARG B 41 -8.68 18.64 -8.43
N ASP B 42 -9.10 19.84 -8.81
CA ASP B 42 -10.08 19.97 -9.90
C ASP B 42 -9.52 19.50 -11.25
N THR B 43 -8.29 19.88 -11.59
CA THR B 43 -7.79 19.59 -12.92
C THR B 43 -7.55 18.10 -13.13
N GLY B 44 -7.33 17.37 -12.04
CA GLY B 44 -6.75 16.05 -12.16
C GLY B 44 -5.33 16.19 -12.67
N MET B 45 -4.70 15.04 -12.90
N MET B 45 -4.67 15.04 -12.83
CA MET B 45 -3.28 15.05 -13.24
CA MET B 45 -3.27 15.08 -13.26
C MET B 45 -2.86 13.85 -14.08
C MET B 45 -2.87 13.89 -14.14
N ASP B 46 -3.80 13.06 -14.61
CA ASP B 46 -3.43 11.88 -15.39
C ASP B 46 -2.57 12.23 -16.59
N ASP B 47 -2.81 13.40 -17.21
CA ASP B 47 -2.07 13.81 -18.39
C ASP B 47 -0.61 14.12 -18.08
N TYR B 48 -0.24 14.24 -16.81
CA TYR B 48 1.09 14.71 -16.47
C TYR B 48 1.89 13.76 -15.62
N ILE B 49 1.34 12.62 -15.24
N ILE B 49 1.33 12.62 -15.23
CA ILE B 49 2.09 11.69 -14.41
CA ILE B 49 2.08 11.70 -14.39
C ILE B 49 2.30 10.38 -15.15
C ILE B 49 2.30 10.40 -15.16
N GLU B 50 3.33 9.69 -14.73
CA GLU B 50 3.63 8.36 -15.23
C GLU B 50 3.46 7.40 -14.06
N THR B 51 2.45 6.53 -14.14
CA THR B 51 2.08 5.69 -13.02
C THR B 51 3.14 4.63 -12.77
N GLY B 52 3.47 4.45 -11.49
CA GLY B 52 4.36 3.38 -11.05
C GLY B 52 3.58 2.13 -10.74
N ILE B 53 3.32 1.88 -9.47
CA ILE B 53 2.57 0.70 -9.04
C ILE B 53 1.15 1.15 -8.68
N PRO B 54 0.13 0.67 -9.38
CA PRO B 54 -1.25 0.98 -8.95
C PRO B 54 -1.56 0.33 -7.61
N LEU B 55 -2.19 1.12 -6.73
CA LEU B 55 -2.66 0.66 -5.42
C LEU B 55 -4.18 0.73 -5.26
N ASN B 56 -4.81 1.81 -5.70
CA ASN B 56 -6.26 2.01 -5.49
C ASN B 56 -6.66 1.67 -4.05
N ALA B 57 -5.90 2.21 -3.11
CA ALA B 57 -5.98 1.79 -1.72
C ALA B 57 -6.68 2.82 -0.85
N LYS B 58 -7.24 2.34 0.26
N LYS B 58 -7.26 2.35 0.26
CA LYS B 58 -7.76 3.24 1.28
CA LYS B 58 -7.76 3.25 1.28
C LYS B 58 -6.65 4.13 1.83
C LYS B 58 -6.64 4.14 1.78
N ILE B 59 -6.97 5.40 2.05
CA ILE B 59 -6.00 6.35 2.59
C ILE B 59 -5.83 6.11 4.09
N SER B 60 -4.58 5.92 4.53
CA SER B 60 -4.28 5.87 5.95
C SER B 60 -2.86 6.41 6.18
N SER B 61 -2.63 6.96 7.38
CA SER B 61 -1.26 7.33 7.72
C SER B 61 -0.35 6.12 7.72
N GLN B 62 -0.86 4.97 8.17
CA GLN B 62 -0.04 3.78 8.27
C GLN B 62 0.47 3.35 6.90
N LEU B 63 -0.42 3.31 5.89
CA LEU B 63 0.01 2.92 4.55
C LEU B 63 0.98 3.94 3.98
N LEU B 64 0.73 5.24 4.19
CA LEU B 64 1.65 6.25 3.67
C LEU B 64 3.04 6.08 4.25
N ILE B 65 3.15 5.82 5.56
CA ILE B 65 4.45 5.58 6.17
C ILE B 65 5.13 4.36 5.56
N ASN B 66 4.41 3.23 5.46
CA ASN B 66 5.04 2.02 4.94
C ASN B 66 5.56 2.21 3.51
N ILE B 67 4.88 3.02 2.70
CA ILE B 67 5.29 3.22 1.31
C ILE B 67 6.68 3.83 1.21
N PHE B 68 7.00 4.76 2.11
CA PHE B 68 8.20 5.58 1.93
C PHE B 68 9.45 5.10 2.66
N ILE B 69 9.41 3.94 3.33
CA ILE B 69 10.63 3.51 4.02
C ILE B 69 11.77 3.36 3.01
N PRO B 70 12.96 3.89 3.29
CA PRO B 70 14.06 3.79 2.33
C PRO B 70 14.41 2.34 2.02
N ASN B 71 15.00 2.12 0.85
CA ASN B 71 15.52 0.81 0.44
C ASN B 71 14.40 -0.19 0.14
N THR B 72 13.20 0.28 -0.19
CA THR B 72 12.06 -0.58 -0.48
C THR B 72 11.56 -0.36 -1.90
N PRO B 73 10.76 -1.29 -2.42
CA PRO B 73 10.24 -1.12 -3.79
C PRO B 73 9.42 0.15 -4.02
N LEU B 74 8.61 0.59 -3.05
CA LEU B 74 7.66 1.65 -3.34
C LEU B 74 8.15 3.04 -3.02
N HIS B 75 9.31 3.20 -2.38
CA HIS B 75 9.61 4.51 -1.82
C HIS B 75 10.12 5.52 -2.84
N ASP B 76 10.64 5.10 -3.98
CA ASP B 76 11.40 6.01 -4.83
C ASP B 76 10.56 6.63 -5.95
N GLY B 77 9.50 7.31 -5.54
CA GLY B 77 8.71 8.12 -6.45
C GLY B 77 7.62 8.77 -5.65
N ALA B 78 6.58 9.21 -6.34
CA ALA B 78 5.47 9.91 -5.69
C ALA B 78 4.32 8.96 -5.38
N VAL B 79 3.65 9.23 -4.27
CA VAL B 79 2.28 8.76 -4.04
C VAL B 79 1.31 9.74 -4.68
N ILE B 80 0.35 9.21 -5.43
CA ILE B 80 -0.69 9.98 -6.09
C ILE B 80 -1.99 9.69 -5.36
N ILE B 81 -2.66 10.73 -4.88
CA ILE B 81 -3.97 10.61 -4.24
C ILE B 81 -5.00 11.20 -5.19
N LYS B 82 -6.00 10.40 -5.56
CA LYS B 82 -7.10 10.80 -6.42
C LYS B 82 -8.38 10.46 -5.70
N GLY B 83 -9.23 11.45 -5.50
CA GLY B 83 -10.45 11.23 -4.75
C GLY B 83 -10.11 10.67 -3.39
N ASN B 84 -10.80 9.60 -3.00
N ASN B 84 -10.80 9.60 -3.01
CA ASN B 84 -10.61 9.01 -1.68
CA ASN B 84 -10.62 8.99 -1.71
C ASN B 84 -9.65 7.81 -1.70
C ASN B 84 -9.70 7.78 -1.75
N GLU B 85 -8.72 7.75 -2.67
CA GLU B 85 -7.82 6.61 -2.74
C GLU B 85 -6.37 7.06 -2.91
N ILE B 86 -5.46 6.25 -2.38
CA ILE B 86 -4.07 6.26 -2.83
C ILE B 86 -4.05 5.52 -4.16
N ALA B 87 -3.99 6.28 -5.26
CA ALA B 87 -4.10 5.68 -6.58
C ALA B 87 -2.87 4.85 -6.93
N SER B 88 -1.67 5.37 -6.62
CA SER B 88 -0.44 4.69 -7.00
C SER B 88 0.69 5.16 -6.10
N ALA B 89 1.78 4.41 -6.15
CA ALA B 89 3.02 4.77 -5.50
C ALA B 89 4.16 4.54 -6.48
N ALA B 90 5.31 5.12 -6.15
CA ALA B 90 6.50 5.05 -7.00
C ALA B 90 6.21 5.61 -8.39
N SER B 91 5.34 6.62 -8.47
CA SER B 91 4.98 7.24 -9.74
C SER B 91 5.89 8.45 -10.02
N TYR B 92 6.02 8.79 -11.29
CA TYR B 92 6.88 9.90 -11.68
C TYR B 92 6.07 11.11 -12.07
N LEU B 93 6.65 12.28 -11.80
CA LEU B 93 6.01 13.57 -12.04
C LEU B 93 6.84 14.40 -13.01
N PRO B 94 6.27 15.47 -13.56
CA PRO B 94 7.07 16.43 -14.33
C PRO B 94 8.16 17.00 -13.45
N LEU B 95 9.32 17.32 -14.04
CA LEU B 95 10.40 17.98 -13.31
C LEU B 95 10.45 19.45 -13.73
N SER B 96 10.39 20.35 -12.75
CA SER B 96 10.48 21.77 -13.07
C SER B 96 11.89 22.13 -13.51
N ASP B 97 11.98 23.05 -14.48
CA ASP B 97 13.27 23.61 -14.87
C ASP B 97 13.55 24.94 -14.17
N SER B 98 12.78 25.26 -13.11
CA SER B 98 12.91 26.56 -12.49
C SER B 98 14.30 26.78 -11.92
N PRO B 99 14.95 27.90 -12.22
CA PRO B 99 16.22 28.20 -11.55
C PRO B 99 16.05 28.79 -10.17
N PHE B 100 14.81 28.98 -9.71
CA PHE B 100 14.56 29.59 -8.41
C PHE B 100 14.34 28.55 -7.32
N LEU B 101 14.20 27.29 -7.68
CA LEU B 101 14.16 26.23 -6.69
C LEU B 101 15.57 26.09 -6.13
N SER B 102 15.70 26.19 -4.81
CA SER B 102 17.01 26.19 -4.16
C SER B 102 17.87 25.01 -4.62
N LYS B 103 19.15 25.31 -4.86
CA LYS B 103 20.08 24.32 -5.39
C LYS B 103 20.22 23.09 -4.50
N GLU B 104 20.03 23.24 -3.19
CA GLU B 104 20.20 22.10 -2.31
C GLU B 104 18.98 21.20 -2.25
N LEU B 105 17.89 21.55 -2.91
CA LEU B 105 16.72 20.67 -2.98
C LEU B 105 16.88 19.72 -4.16
N GLY B 106 16.46 18.48 -3.95
CA GLY B 106 16.66 17.40 -4.89
C GLY B 106 15.42 17.05 -5.69
N THR B 107 15.42 15.80 -6.18
CA THR B 107 14.44 15.37 -7.17
C THR B 107 13.02 15.47 -6.62
N ARG B 108 12.79 15.05 -5.37
CA ARG B 108 11.43 15.09 -4.84
C ARG B 108 10.86 16.50 -4.89
N HIS B 109 11.66 17.50 -4.53
CA HIS B 109 11.17 18.88 -4.56
C HIS B 109 10.98 19.35 -6.00
N ARG B 110 11.88 18.96 -6.90
CA ARG B 110 11.77 19.39 -8.28
C ARG B 110 10.57 18.75 -8.97
N ALA B 111 10.24 17.51 -8.58
CA ALA B 111 9.03 16.84 -9.05
C ALA B 111 7.78 17.49 -8.46
N ALA B 112 7.82 17.80 -7.16
CA ALA B 112 6.68 18.49 -6.55
C ALA B 112 6.44 19.83 -7.22
N LEU B 113 7.51 20.55 -7.54
CA LEU B 113 7.33 21.85 -8.20
C LEU B 113 6.81 21.65 -9.62
N GLY B 114 7.35 20.65 -10.31
CA GLY B 114 6.91 20.36 -11.66
C GLY B 114 5.42 20.07 -11.77
N ILE B 115 4.92 19.13 -10.96
CA ILE B 115 3.49 18.82 -11.07
C ILE B 115 2.66 20.08 -10.76
N SER B 116 3.15 20.94 -9.86
CA SER B 116 2.38 22.12 -9.46
C SER B 116 2.32 23.17 -10.56
N GLU B 117 3.24 23.13 -11.53
CA GLU B 117 3.27 24.10 -12.63
C GLU B 117 2.25 23.78 -13.70
N VAL B 118 1.75 22.55 -13.75
CA VAL B 118 0.93 22.07 -14.85
C VAL B 118 -0.42 21.53 -14.40
N THR B 119 -0.68 21.49 -13.09
CA THR B 119 -1.97 21.04 -12.56
C THR B 119 -2.28 21.88 -11.33
N ASP B 120 -3.51 21.77 -10.83
CA ASP B 120 -3.90 22.41 -9.59
C ASP B 120 -3.70 21.52 -8.37
N SER B 121 -2.82 20.53 -8.48
N SER B 121 -2.84 20.51 -8.47
CA SER B 121 -2.57 19.59 -7.39
CA SER B 121 -2.65 19.61 -7.36
C SER B 121 -1.87 20.29 -6.21
C SER B 121 -1.92 20.30 -6.21
N ILE B 122 -2.05 19.72 -5.02
CA ILE B 122 -1.32 20.14 -3.83
C ILE B 122 -0.37 19.02 -3.49
N THR B 123 0.93 19.34 -3.35
CA THR B 123 1.93 18.30 -3.15
C THR B 123 2.73 18.58 -1.89
N ILE B 124 2.97 17.53 -1.12
CA ILE B 124 3.69 17.62 0.15
C ILE B 124 4.98 16.82 0.03
N VAL B 125 6.08 17.41 0.48
CA VAL B 125 7.41 16.79 0.39
C VAL B 125 8.02 16.74 1.79
N VAL B 126 8.65 15.61 2.13
CA VAL B 126 9.53 15.53 3.30
C VAL B 126 10.95 15.34 2.80
N SER B 127 11.87 16.19 3.28
CA SER B 127 13.28 16.09 2.89
C SER B 127 13.97 14.98 3.65
N GLU B 128 14.69 14.12 2.93
CA GLU B 128 15.51 13.14 3.61
C GLU B 128 16.80 13.74 4.17
N GLU B 129 17.13 14.98 3.77
CA GLU B 129 18.32 15.64 4.28
C GLU B 129 18.05 16.33 5.62
N THR B 130 16.93 17.05 5.72
CA THR B 130 16.67 17.89 6.88
C THR B 130 15.44 17.47 7.65
N GLY B 131 14.59 16.62 7.10
CA GLY B 131 13.28 16.38 7.67
C GLY B 131 12.31 17.53 7.49
N GLY B 132 12.69 18.61 6.83
CA GLY B 132 11.76 19.70 6.60
C GLY B 132 10.62 19.26 5.71
N ILE B 133 9.44 19.79 5.99
CA ILE B 133 8.25 19.55 5.17
C ILE B 133 8.03 20.77 4.29
N SER B 134 7.77 20.54 3.00
CA SER B 134 7.47 21.62 2.07
C SER B 134 6.20 21.31 1.29
N LEU B 135 5.61 22.36 0.72
CA LEU B 135 4.40 22.21 -0.08
C LEU B 135 4.62 22.92 -1.42
N THR B 136 3.98 22.39 -2.47
CA THR B 136 3.92 23.11 -3.74
C THR B 136 2.49 23.27 -4.19
N LYS B 137 2.25 24.41 -4.84
CA LYS B 137 0.94 24.76 -5.36
C LYS B 137 1.14 25.85 -6.40
N GLY B 138 0.52 25.69 -7.57
CA GLY B 138 0.47 26.78 -8.54
C GLY B 138 1.84 27.26 -8.95
N GLY B 139 2.81 26.34 -9.05
CA GLY B 139 4.13 26.65 -9.54
C GLY B 139 5.07 27.26 -8.52
N GLU B 140 4.72 27.24 -7.24
CA GLU B 140 5.56 27.81 -6.19
C GLU B 140 5.69 26.83 -5.04
N LEU B 141 6.71 27.07 -4.21
CA LEU B 141 7.09 26.20 -3.11
C LEU B 141 7.07 26.99 -1.80
N PHE B 142 6.50 26.39 -0.75
CA PHE B 142 6.50 26.91 0.60
C PHE B 142 7.36 25.93 1.41
N ARG B 143 8.55 26.38 1.83
CA ARG B 143 9.60 25.51 2.32
C ARG B 143 9.65 25.45 3.86
N ASP B 144 9.87 24.25 4.38
CA ASP B 144 10.15 24.06 5.82
C ASP B 144 9.03 24.63 6.70
N VAL B 145 7.84 24.09 6.50
CA VAL B 145 6.65 24.59 7.18
C VAL B 145 6.55 24.00 8.57
N SER B 146 5.96 24.76 9.49
CA SER B 146 5.67 24.25 10.81
C SER B 146 4.45 23.34 10.76
N GLU B 147 4.22 22.61 11.84
CA GLU B 147 3.02 21.78 11.90
C GLU B 147 1.76 22.64 11.79
N GLU B 148 1.75 23.82 12.42
CA GLU B 148 0.58 24.68 12.32
C GLU B 148 0.40 25.21 10.90
N GLU B 149 1.50 25.61 10.26
CA GLU B 149 1.41 26.05 8.87
C GLU B 149 0.93 24.94 7.95
N LEU B 150 1.46 23.72 8.12
CA LEU B 150 1.02 22.60 7.31
C LEU B 150 -0.49 22.40 7.44
N HIS B 151 -0.98 22.40 8.67
CA HIS B 151 -2.39 22.17 8.89
C HIS B 151 -3.24 23.24 8.24
N LYS B 152 -2.87 24.52 8.43
CA LYS B 152 -3.65 25.63 7.90
C LYS B 152 -3.73 25.57 6.38
N ILE B 153 -2.62 25.25 5.71
CA ILE B 153 -2.63 25.20 4.25
C ILE B 153 -3.43 24.00 3.77
N LEU B 154 -3.24 22.83 4.40
CA LEU B 154 -4.00 21.67 3.94
C LEU B 154 -5.50 21.89 4.14
N LEU B 155 -5.87 22.48 5.27
CA LEU B 155 -7.28 22.75 5.53
C LEU B 155 -7.86 23.69 4.47
N LYS B 156 -7.14 24.78 4.18
CA LYS B 156 -7.63 25.76 3.22
C LYS B 156 -7.73 25.16 1.83
N GLU B 157 -6.76 24.32 1.44
CA GLU B 157 -6.67 23.88 0.06
C GLU B 157 -7.41 22.59 -0.22
N LEU B 158 -7.67 21.76 0.80
CA LEU B 158 -8.27 20.45 0.59
C LEU B 158 -9.65 20.29 1.21
N VAL B 159 -10.08 21.17 2.10
CA VAL B 159 -11.43 21.12 2.66
C VAL B 159 -12.23 22.20 1.93
N THR B 160 -13.06 21.77 0.98
CA THR B 160 -13.61 22.68 -0.02
C THR B 160 -14.52 23.73 0.60
N VAL B 161 -15.28 23.36 1.63
CA VAL B 161 -16.24 24.27 2.24
C VAL B 161 -15.59 25.45 2.94
N THR B 162 -14.27 25.42 3.13
CA THR B 162 -13.57 26.55 3.71
C THR B 162 -13.58 27.78 2.80
N ALA B 163 -13.99 27.63 1.54
CA ALA B 163 -14.05 28.74 0.58
C ALA B 163 -15.39 29.46 0.58
N LYS B 164 -16.37 29.00 1.37
CA LYS B 164 -17.68 29.65 1.35
C LYS B 164 -17.65 31.00 2.04
N LYS B 165 -16.74 31.20 2.99
CA LYS B 165 -16.62 32.48 3.66
C LYS B 165 -16.11 33.54 2.68
N PRO B 166 -16.31 34.82 2.99
CA PRO B 166 -15.73 35.88 2.15
C PRO B 166 -14.23 35.71 2.01
N SER B 167 -13.72 36.08 0.83
CA SER B 167 -12.32 35.77 0.49
C SER B 167 -11.34 36.49 1.42
N ILE B 168 -11.71 37.66 1.94
CA ILE B 168 -10.82 38.39 2.84
C ILE B 168 -10.47 37.55 4.06
N PHE B 169 -11.41 36.71 4.53
CA PHE B 169 -11.20 35.89 5.70
C PHE B 169 -10.44 34.60 5.39
N SER B 170 -10.24 34.27 4.12
CA SER B 170 -9.48 33.10 3.73
C SER B 170 -8.03 33.42 3.42
N LYS B 171 -7.61 34.68 3.58
CA LYS B 171 -6.23 35.04 3.34
C LYS B 171 -5.33 34.53 4.45
N TRP B 172 -4.08 34.28 4.08
CA TRP B 172 -3.07 33.78 5.00
C TRP B 172 -2.72 34.85 6.06
N LYS B 173 -2.11 34.37 7.15
CA LYS B 173 -1.65 35.22 8.24
C LYS B 173 -0.99 36.52 7.78
N1 TJ9 C . -2.21 -13.02 15.21
N3 TJ9 C . 2.10 -10.84 15.79
C4 TJ9 C . -2.15 -13.00 16.54
C5 TJ9 C . -3.25 -13.23 18.81
C6 TJ9 C . -4.38 -13.69 19.68
C7 TJ9 C . 1.41 -11.65 14.79
C8 TJ9 C . 2.27 -11.85 13.61
C1 TJ9 C . -1.18 -12.59 13.02
C2 TJ9 C . -1.03 -12.56 14.51
C3 TJ9 C . 0.16 -12.11 14.95
C9 TJ9 C . 3.32 -10.49 15.39
N2 TJ9 C . -3.15 -13.37 17.43
N4 TJ9 C . 4.21 -9.74 16.13
O1 TJ9 C . -2.28 -12.66 19.36
S1 TJ9 C . -0.50 -12.38 16.98
S2 TJ9 C . 3.70 -11.14 13.74
CL CL D . 9.41 -16.05 12.01
CL CL E . -16.53 -11.15 -22.83
CL CL F . -7.57 -8.44 -16.52
CL CL G . 20.71 -16.64 8.17
CL CL H . -11.87 -4.71 -20.67
CL CL I . 9.17 -6.95 -6.58
CL CL J . 9.73 -2.76 -8.74
CL CL K . -5.97 -16.90 19.78
CL CL L . 13.98 -23.47 -3.33
N1 TJ9 M . 9.35 12.05 -10.69
N3 TJ9 M . 11.38 10.49 -6.88
C4 TJ9 M . 10.26 11.92 -11.65
C5 TJ9 M . 10.99 12.22 -13.99
C6 TJ9 M . 10.73 12.82 -15.31
C7 TJ9 M . 11.70 10.34 -8.27
C8 TJ9 M . 12.90 9.56 -8.50
C1 TJ9 M . 8.71 11.65 -8.37
C2 TJ9 M . 9.74 11.52 -9.45
C3 TJ9 M . 10.92 10.95 -9.14
C9 TJ9 M . 12.26 9.84 -6.13
N2 TJ9 M . 10.13 12.38 -12.94
N4 TJ9 M . 12.18 9.79 -4.78
O1 TJ9 M . 12.02 11.53 -13.78
S1 TJ9 M . 11.72 11.10 -11.01
S2 TJ9 M . 13.57 9.02 -7.14
CL CL N . 0.33 6.04 11.90
CL CL O . 14.92 15.02 -0.16
CL CL P . 20.37 28.05 -5.50
CL CL Q . -1.72 7.06 -10.90
CL CL R . 13.63 21.69 3.67
#